data_6JDU
#
_entry.id   6JDU
#
_cell.length_a   92.914
_cell.length_b   92.914
_cell.length_c   147.696
_cell.angle_alpha   90.00
_cell.angle_beta   90.00
_cell.angle_gamma   90.00
#
_symmetry.space_group_name_H-M   'P 43 21 2'
#
loop_
_entity.id
_entity.type
_entity.pdbx_description
1 polymer PP1b
2 non-polymer 'ZINC ION'
3 non-polymer 'CALCIUM ION'
4 water water
#
_entity_poly.entity_id   1
_entity_poly.type   'polypeptide(L)'
_entity_poly.pdbx_seq_one_letter_code
;GKKSRMCGYCGAPAPYATACGLDVCVYHTHFHQHCPVIIWCGHPAGSGSCSECEPPLGKGTSPLDEVLEQVPYKPPRTVI
MHVEQGLTPLDPGRYQTRRGLVSVRRGIRGNEVDLPDGDYASTALLPTCKEINMVAVASNVLRSRFIIGPPGAGKTHWLL
QQVQDGDVIYTPTHQTMLDMIRALGTCRFNVPAGTTLQFPAPSRTGPWVRILAGGWCPGKNSFLDEAAYCNHLDVLRLLS
KTTLTCLGDFKQLHPVGFDSHCYVFDIMPQTQLKTIWRFGQNICDAIQPDYRDKLMSMVNTTRVTYVEKPVRYGQVLTPY
HRDREDSAITIDSSQGATFDVVTLHLPTKDSLNRQRALVAITRARHAIFVYDPHRQLQSVFDLPAKGTPVNLAVHRDEQL
IVLDRNNREITVAQALGNGDKFRATDKRVVDSLRAICADLE
;
_entity_poly.pdbx_strand_id   A
#
loop_
_chem_comp.id
_chem_comp.type
_chem_comp.name
_chem_comp.formula
CA non-polymer 'CALCIUM ION' 'Ca 2'
ZN non-polymer 'ZINC ION' 'Zn 2'
#
# COMPACT_ATOMS: atom_id res chain seq x y z
N SER A 4 15.08 -10.62 28.91
CA SER A 4 15.31 -9.48 27.97
C SER A 4 14.04 -9.15 27.18
N ARG A 5 12.99 -8.78 27.93
CA ARG A 5 11.70 -8.38 27.38
C ARG A 5 11.58 -6.85 27.40
N MET A 6 11.27 -6.26 26.25
CA MET A 6 11.17 -4.81 26.11
C MET A 6 9.73 -4.33 26.30
N CYS A 7 9.60 -3.13 26.87
CA CYS A 7 8.30 -2.47 27.07
C CYS A 7 7.53 -2.29 25.76
N GLY A 8 6.21 -2.38 25.82
CA GLY A 8 5.34 -2.21 24.66
C GLY A 8 5.22 -0.78 24.18
N TYR A 9 5.24 0.18 25.11
CA TYR A 9 5.10 1.60 24.80
C TYR A 9 6.44 2.21 24.37
N CYS A 10 7.40 2.18 25.31
CA CYS A 10 8.74 2.74 25.13
C CYS A 10 9.69 1.56 24.90
N GLY A 11 10.98 1.84 24.75
CA GLY A 11 11.97 0.78 24.60
C GLY A 11 12.29 -0.02 25.84
N ALA A 12 12.09 0.57 27.02
CA ALA A 12 12.77 0.18 28.26
C ALA A 12 12.51 -1.25 28.74
N PRO A 13 13.43 -1.80 29.57
CA PRO A 13 13.24 -3.15 30.14
C PRO A 13 11.91 -3.31 30.90
N ALA A 14 11.29 -4.48 30.73
CA ALA A 14 9.91 -4.73 31.17
C ALA A 14 9.81 -5.98 32.05
N PRO A 15 9.90 -5.80 33.38
CA PRO A 15 9.65 -6.90 34.31
C PRO A 15 8.17 -7.16 34.62
N TYR A 16 7.28 -6.32 34.11
CA TYR A 16 5.84 -6.49 34.32
C TYR A 16 5.10 -6.56 33.00
N ALA A 17 3.85 -7.01 33.07
CA ALA A 17 2.97 -7.11 31.92
C ALA A 17 1.52 -6.76 32.28
N THR A 18 0.75 -6.35 31.28
CA THR A 18 -0.68 -6.10 31.45
C THR A 18 -1.39 -7.44 31.38
N ALA A 19 -2.65 -7.48 31.82
CA ALA A 19 -3.47 -8.69 31.68
C ALA A 19 -3.73 -9.03 30.22
N CYS A 20 -3.72 -7.99 29.37
CA CYS A 20 -3.91 -8.14 27.93
C CYS A 20 -2.63 -8.48 27.11
N GLY A 21 -1.52 -8.81 27.79
CA GLY A 21 -0.31 -9.32 27.11
C GLY A 21 0.76 -8.31 26.70
N LEU A 22 0.55 -7.03 27.01
CA LEU A 22 1.55 -6.00 26.73
C LEU A 22 2.61 -5.97 27.83
N ASP A 23 3.87 -6.14 27.44
CA ASP A 23 5.00 -5.98 28.37
C ASP A 23 5.16 -4.51 28.70
N VAL A 24 5.44 -4.21 29.97
CA VAL A 24 5.57 -2.82 30.42
C VAL A 24 6.77 -2.64 31.36
N CYS A 25 7.43 -1.49 31.23
CA CYS A 25 8.45 -1.04 32.17
C CYS A 25 7.77 -0.55 33.46
N VAL A 26 8.55 -0.29 34.51
CA VAL A 26 7.97 0.05 35.81
C VAL A 26 7.18 1.37 35.74
N TYR A 27 7.67 2.33 34.96
CA TYR A 27 6.95 3.58 34.73
C TYR A 27 5.56 3.35 34.14
N HIS A 28 5.49 2.50 33.12
CA HIS A 28 4.24 2.27 32.37
C HIS A 28 3.22 1.37 33.08
N THR A 29 3.60 0.75 34.19
CA THR A 29 2.66 -0.02 35.01
C THR A 29 1.47 0.82 35.53
N HIS A 30 1.65 2.14 35.62
CA HIS A 30 0.62 3.03 36.14
C HIS A 30 -0.13 3.85 35.08
N PHE A 31 0.09 3.54 33.80
CA PHE A 31 -0.59 4.27 32.70
C PHE A 31 -1.26 3.31 31.69
N HIS A 32 -1.82 2.22 32.21
CA HIS A 32 -2.58 1.26 31.40
C HIS A 32 -3.92 0.97 32.09
N GLN A 33 -4.90 1.83 31.81
CA GLN A 33 -6.22 1.75 32.42
C GLN A 33 -7.12 0.67 31.82
N HIS A 34 -6.76 0.20 30.62
CA HIS A 34 -7.52 -0.83 29.88
C HIS A 34 -7.81 -2.09 30.71
N CYS A 35 -6.77 -2.59 31.38
CA CYS A 35 -6.85 -3.84 32.15
C CYS A 35 -5.86 -3.81 33.32
N PRO A 36 -5.98 -4.76 34.28
CA PRO A 36 -5.04 -4.74 35.42
C PRO A 36 -3.61 -5.08 35.02
N VAL A 37 -2.65 -4.42 35.67
CA VAL A 37 -1.24 -4.79 35.57
C VAL A 37 -0.74 -5.06 36.99
N ILE A 38 -0.41 -6.32 37.26
CA ILE A 38 0.03 -6.74 38.60
C ILE A 38 1.46 -6.24 38.81
N ILE A 39 1.68 -5.58 39.94
CA ILE A 39 2.99 -5.00 40.29
C ILE A 39 3.61 -5.69 41.51
N TRP A 40 4.86 -5.32 41.77
CA TRP A 40 5.65 -5.76 42.94
C TRP A 40 4.91 -6.09 44.26
N CYS A 41 3.86 -5.33 44.61
CA CYS A 41 3.08 -5.63 45.83
C CYS A 41 2.10 -6.80 45.70
N GLY A 42 1.89 -7.31 44.50
CA GLY A 42 1.03 -8.48 44.26
C GLY A 42 -0.42 -8.15 43.90
N HIS A 43 -0.76 -6.86 43.89
CA HIS A 43 -2.08 -6.39 43.49
C HIS A 43 -1.97 -5.58 42.19
N PRO A 44 -3.11 -5.20 41.59
CA PRO A 44 -3.04 -4.33 40.41
C PRO A 44 -2.64 -2.90 40.74
N ALA A 45 -1.84 -2.30 39.86
CA ALA A 45 -1.45 -0.91 40.00
C ALA A 45 -2.70 -0.02 40.12
N GLY A 46 -2.68 0.89 41.10
CA GLY A 46 -3.77 1.83 41.33
C GLY A 46 -5.00 1.26 42.02
N SER A 47 -4.94 0.01 42.48
CA SER A 47 -6.10 -0.66 43.06
C SER A 47 -6.41 -0.21 44.49
N GLY A 48 -5.40 0.25 45.21
CA GLY A 48 -5.54 0.61 46.62
C GLY A 48 -5.71 -0.60 47.54
N SER A 49 -5.29 -1.77 47.09
CA SER A 49 -5.42 -3.01 47.86
C SER A 49 -4.45 -3.06 49.03
N CYS A 50 -3.28 -2.47 48.83
CA CYS A 50 -2.33 -2.17 49.91
C CYS A 50 -1.79 -0.76 49.72
N SER A 51 -1.01 -0.29 50.68
CA SER A 51 -0.46 1.07 50.63
C SER A 51 0.55 1.30 49.48
N GLU A 52 1.12 0.21 48.96
CA GLU A 52 2.03 0.27 47.81
C GLU A 52 1.31 0.52 46.47
N CYS A 53 0.08 0.02 46.34
CA CYS A 53 -0.74 0.22 45.13
C CYS A 53 -1.79 1.35 45.29
N GLU A 54 -1.64 2.21 46.30
CA GLU A 54 -2.49 3.40 46.47
C GLU A 54 -2.28 4.48 45.40
N PRO A 55 -1.03 4.76 44.99
CA PRO A 55 -0.78 5.75 43.93
C PRO A 55 -1.67 5.53 42.69
N PRO A 56 -2.51 6.53 42.32
CA PRO A 56 -3.54 6.28 41.31
C PRO A 56 -2.97 6.18 39.90
N LEU A 57 -3.77 5.59 39.01
CA LEU A 57 -3.37 5.42 37.61
C LEU A 57 -3.41 6.76 36.89
N GLY A 58 -2.44 6.99 36.02
CA GLY A 58 -2.41 8.16 35.16
C GLY A 58 -3.07 7.89 33.82
N LYS A 59 -3.30 8.96 33.06
CA LYS A 59 -3.89 8.86 31.72
C LYS A 59 -2.86 8.27 30.77
N GLY A 60 -3.35 7.56 29.75
CA GLY A 60 -2.49 6.88 28.78
C GLY A 60 -1.50 7.79 28.09
N THR A 61 -0.29 7.27 27.88
CA THR A 61 0.82 8.00 27.25
C THR A 61 1.04 7.63 25.77
N SER A 62 0.09 6.90 25.18
CA SER A 62 0.26 6.34 23.84
C SER A 62 -1.07 6.28 23.07
N PRO A 63 -1.01 6.41 21.73
CA PRO A 63 -2.18 6.13 20.91
C PRO A 63 -2.77 4.72 21.13
N LEU A 64 -1.91 3.76 21.47
CA LEU A 64 -2.32 2.41 21.85
C LEU A 64 -3.45 2.41 22.88
N ASP A 65 -3.31 3.27 23.88
CA ASP A 65 -4.29 3.39 24.95
C ASP A 65 -5.63 3.86 24.41
N GLU A 66 -5.60 4.78 23.46
CA GLU A 66 -6.80 5.30 22.82
C GLU A 66 -7.52 4.23 22.00
N VAL A 67 -6.77 3.40 21.27
CA VAL A 67 -7.38 2.33 20.49
C VAL A 67 -7.95 1.27 21.43
N LEU A 68 -7.23 1.00 22.52
CA LEU A 68 -7.66 0.03 23.54
C LEU A 68 -8.97 0.40 24.26
N GLU A 69 -9.44 1.64 24.14
CA GLU A 69 -10.75 2.04 24.68
C GLU A 69 -11.94 1.30 24.07
N GLN A 70 -11.77 0.79 22.84
CA GLN A 70 -12.82 0.01 22.15
C GLN A 70 -12.59 -1.50 22.22
N VAL A 71 -11.55 -1.93 22.93
CA VAL A 71 -11.15 -3.33 23.01
C VAL A 71 -11.47 -3.84 24.41
N PRO A 72 -12.69 -4.39 24.61
CA PRO A 72 -13.12 -4.71 25.98
C PRO A 72 -12.31 -5.83 26.62
N TYR A 73 -11.93 -5.65 27.90
CA TYR A 73 -11.18 -6.66 28.65
C TYR A 73 -12.11 -7.59 29.41
N LYS A 74 -12.14 -8.86 29.02
CA LYS A 74 -12.85 -9.90 29.75
C LYS A 74 -11.83 -10.72 30.54
N PRO A 75 -11.98 -10.82 31.88
CA PRO A 75 -11.02 -11.61 32.67
C PRO A 75 -10.96 -13.10 32.28
N PRO A 76 -9.74 -13.69 32.25
CA PRO A 76 -9.62 -15.12 31.97
C PRO A 76 -9.89 -15.96 33.23
N ARG A 77 -10.17 -17.25 33.03
CA ARG A 77 -10.48 -18.16 34.13
C ARG A 77 -9.25 -18.44 34.99
N THR A 78 -9.46 -18.55 36.31
CA THR A 78 -8.41 -18.89 37.25
C THR A 78 -8.32 -20.41 37.32
N VAL A 79 -7.23 -20.97 36.80
CA VAL A 79 -7.04 -22.42 36.70
C VAL A 79 -5.72 -22.82 37.33
N ILE A 80 -5.67 -24.03 37.90
CA ILE A 80 -4.45 -24.49 38.58
C ILE A 80 -3.40 -24.97 37.56
N MET A 81 -2.17 -24.50 37.77
CA MET A 81 -0.99 -24.98 37.07
C MET A 81 -0.30 -25.99 38.00
N HIS A 82 -0.53 -27.28 37.74
CA HIS A 82 0.18 -28.34 38.48
C HIS A 82 1.59 -28.49 37.92
N VAL A 83 2.58 -28.48 38.82
CA VAL A 83 4.00 -28.48 38.46
C VAL A 83 4.72 -29.63 39.15
N GLU A 84 5.53 -30.36 38.38
CA GLU A 84 6.44 -31.38 38.93
C GLU A 84 7.70 -31.54 38.08
N GLN A 85 8.85 -31.17 38.65
CA GLN A 85 10.16 -31.20 38.01
C GLN A 85 10.25 -30.26 36.80
N GLY A 86 9.63 -29.09 36.93
CA GLY A 86 9.58 -28.10 35.86
C GLY A 86 8.77 -28.54 34.66
N LEU A 87 7.59 -29.12 34.92
CA LEU A 87 6.69 -29.60 33.86
C LEU A 87 5.23 -29.43 34.27
N THR A 88 4.40 -28.91 33.35
CA THR A 88 2.97 -28.71 33.59
C THR A 88 2.13 -29.11 32.38
N PRO A 89 0.92 -29.65 32.59
CA PRO A 89 0.05 -29.95 31.44
C PRO A 89 -0.55 -28.73 30.72
N LEU A 90 -0.51 -27.54 31.34
CA LEU A 90 -1.13 -26.34 30.73
C LEU A 90 -0.43 -25.91 29.45
N ASP A 91 -1.18 -25.20 28.61
CA ASP A 91 -0.71 -24.80 27.28
C ASP A 91 0.38 -23.74 27.38
N PRO A 92 1.30 -23.69 26.39
CA PRO A 92 2.29 -22.61 26.35
C PRO A 92 1.68 -21.21 26.40
N GLY A 93 2.35 -20.30 27.11
CA GLY A 93 1.83 -18.95 27.34
C GLY A 93 2.51 -18.26 28.51
N ARG A 94 1.85 -17.21 29.02
CA ARG A 94 2.35 -16.44 30.16
C ARG A 94 1.26 -16.30 31.20
N TYR A 95 1.57 -16.71 32.43
CA TYR A 95 0.59 -16.87 33.49
C TYR A 95 1.01 -16.09 34.72
N GLN A 96 0.04 -15.39 35.33
CA GLN A 96 0.23 -14.72 36.61
C GLN A 96 -0.14 -15.69 37.73
N THR A 97 0.80 -15.89 38.67
CA THR A 97 0.63 -16.80 39.79
C THR A 97 0.95 -16.08 41.10
N ARG A 98 0.83 -16.78 42.22
CA ARG A 98 1.27 -16.27 43.51
C ARG A 98 2.79 -15.99 43.60
N ARG A 99 3.58 -16.66 42.75
CA ARG A 99 5.03 -16.43 42.64
C ARG A 99 5.40 -15.47 41.48
N GLY A 100 4.48 -14.60 41.08
CA GLY A 100 4.73 -13.65 39.99
C GLY A 100 4.42 -14.19 38.60
N LEU A 101 4.76 -13.38 37.60
CA LEU A 101 4.48 -13.69 36.20
C LEU A 101 5.48 -14.72 35.69
N VAL A 102 4.98 -15.85 35.18
CA VAL A 102 5.83 -16.94 34.68
C VAL A 102 5.44 -17.37 33.27
N SER A 103 6.45 -17.71 32.47
CA SER A 103 6.26 -18.24 31.13
C SER A 103 6.32 -19.76 31.15
N VAL A 104 5.48 -20.40 30.35
CA VAL A 104 5.56 -21.85 30.14
C VAL A 104 5.82 -22.12 28.65
N ARG A 105 6.97 -22.71 28.35
CA ARG A 105 7.44 -22.91 26.97
C ARG A 105 7.48 -24.39 26.60
N ARG A 106 7.02 -24.71 25.40
CA ARG A 106 6.99 -26.10 24.89
C ARG A 106 8.40 -26.60 24.58
N GLY A 107 8.70 -27.84 24.98
CA GLY A 107 10.04 -28.41 24.83
C GLY A 107 10.03 -29.90 24.51
N ILE A 108 11.21 -30.51 24.63
CA ILE A 108 11.42 -31.92 24.28
C ILE A 108 10.72 -32.82 25.29
N ARG A 109 11.13 -32.70 26.55
CA ARG A 109 10.51 -33.45 27.66
C ARG A 109 9.05 -33.06 27.88
N GLY A 110 8.73 -31.77 27.75
CA GLY A 110 7.35 -31.28 27.90
C GLY A 110 7.28 -29.76 27.95
N ASN A 111 6.16 -29.25 28.44
CA ASN A 111 5.99 -27.80 28.61
C ASN A 111 6.76 -27.34 29.85
N GLU A 112 7.92 -26.74 29.64
CA GLU A 112 8.85 -26.38 30.73
C GLU A 112 8.39 -25.12 31.47
N VAL A 113 8.55 -25.13 32.80
CA VAL A 113 8.24 -23.96 33.65
C VAL A 113 9.30 -23.82 34.75
N ASP A 114 9.74 -22.59 35.01
CA ASP A 114 10.75 -22.31 36.04
C ASP A 114 10.07 -21.90 37.36
N LEU A 115 9.54 -22.89 38.06
CA LEU A 115 9.15 -22.77 39.46
C LEU A 115 9.00 -24.17 40.07
N PRO A 116 9.21 -24.30 41.39
CA PRO A 116 9.27 -25.63 41.99
C PRO A 116 7.91 -26.32 42.06
N ASP A 117 7.90 -27.56 42.55
CA ASP A 117 6.71 -28.41 42.54
C ASP A 117 5.57 -27.83 43.36
N GLY A 118 4.34 -28.13 42.95
CA GLY A 118 3.13 -27.68 43.63
C GLY A 118 1.99 -27.45 42.67
N ASP A 119 0.92 -26.84 43.19
CA ASP A 119 -0.24 -26.44 42.40
C ASP A 119 -0.42 -24.94 42.58
N TYR A 120 -0.45 -24.22 41.46
CA TYR A 120 -0.45 -22.76 41.45
C TYR A 120 -1.72 -22.24 40.78
N ALA A 121 -2.52 -21.50 41.53
CA ALA A 121 -3.62 -20.74 40.97
C ALA A 121 -3.02 -19.76 39.97
N SER A 122 -3.50 -19.80 38.73
CA SER A 122 -2.89 -19.02 37.66
C SER A 122 -3.92 -18.49 36.66
N THR A 123 -3.70 -17.24 36.22
CA THR A 123 -4.52 -16.59 35.20
C THR A 123 -3.63 -16.26 34.01
N ALA A 124 -4.04 -16.70 32.83
CA ALA A 124 -3.27 -16.50 31.62
C ALA A 124 -3.32 -15.05 31.16
N LEU A 125 -2.25 -14.58 30.52
CA LEU A 125 -2.27 -13.32 29.79
C LEU A 125 -3.04 -13.57 28.50
N LEU A 126 -3.85 -12.59 28.10
CA LEU A 126 -4.60 -12.67 26.85
C LEU A 126 -3.66 -12.39 25.68
N PRO A 127 -4.04 -12.81 24.46
CA PRO A 127 -3.25 -12.49 23.27
C PRO A 127 -3.43 -11.06 22.73
N THR A 128 -4.38 -10.29 23.27
CA THR A 128 -4.73 -8.94 22.78
C THR A 128 -3.55 -8.10 22.32
N CYS A 129 -2.60 -7.83 23.22
CA CYS A 129 -1.43 -7.01 22.92
C CYS A 129 -0.13 -7.82 22.88
N LYS A 130 -0.23 -9.12 22.55
CA LYS A 130 0.92 -10.02 22.49
C LYS A 130 1.94 -9.55 21.45
N GLU A 131 1.47 -9.34 20.24
CA GLU A 131 2.32 -8.95 19.11
C GLU A 131 2.78 -7.49 19.13
N ILE A 132 2.15 -6.65 19.95
CA ILE A 132 2.30 -5.19 19.84
C ILE A 132 3.68 -4.71 20.30
N ASN A 133 4.25 -3.78 19.54
CA ASN A 133 5.48 -3.06 19.91
C ASN A 133 5.40 -1.66 19.30
N MET A 134 5.09 -0.66 20.12
CA MET A 134 4.83 0.69 19.61
C MET A 134 6.06 1.43 19.10
N VAL A 135 7.27 1.03 19.52
CA VAL A 135 8.49 1.64 18.99
C VAL A 135 8.76 1.15 17.56
N ALA A 136 8.37 -0.10 17.27
CA ALA A 136 8.40 -0.64 15.91
C ALA A 136 7.33 -0.03 15.02
N VAL A 137 6.16 0.25 15.59
CA VAL A 137 5.07 0.93 14.87
C VAL A 137 5.58 2.27 14.38
N ALA A 138 6.02 3.10 15.32
CA ALA A 138 6.56 4.44 15.01
C ALA A 138 7.61 4.39 13.88
N SER A 139 8.52 3.42 14.00
CA SER A 139 9.57 3.18 13.01
C SER A 139 8.97 2.79 11.66
N ASN A 140 8.14 1.75 11.64
CA ASN A 140 7.59 1.20 10.40
C ASN A 140 6.55 2.10 9.71
N VAL A 141 5.91 2.99 10.47
CA VAL A 141 4.95 3.96 9.90
C VAL A 141 5.62 4.95 8.94
N LEU A 142 6.84 5.38 9.30
CA LEU A 142 7.65 6.26 8.44
C LEU A 142 8.04 5.60 7.10
N ARG A 143 8.31 4.29 7.13
CA ARG A 143 8.66 3.53 5.92
C ARG A 143 7.43 2.88 5.23
N SER A 144 6.24 3.48 5.38
CA SER A 144 4.99 3.00 4.78
C SER A 144 4.40 4.08 3.87
N ARG A 145 3.60 3.67 2.90
CA ARG A 145 2.87 4.60 2.02
C ARG A 145 1.38 4.44 2.26
N PHE A 146 0.66 5.57 2.37
CA PHE A 146 -0.80 5.58 2.28
C PHE A 146 -1.21 6.13 0.92
N ILE A 147 -1.65 5.23 0.03
CA ILE A 147 -1.98 5.58 -1.35
C ILE A 147 -3.44 6.03 -1.41
N ILE A 148 -3.65 7.33 -1.54
CA ILE A 148 -5.00 7.90 -1.58
C ILE A 148 -5.51 7.80 -3.01
N GLY A 149 -6.69 7.21 -3.18
CA GLY A 149 -7.27 7.02 -4.51
C GLY A 149 -7.86 8.30 -5.09
N PRO A 150 -8.25 8.27 -6.38
CA PRO A 150 -8.89 9.41 -7.04
C PRO A 150 -10.43 9.34 -6.93
N PRO A 151 -11.16 10.36 -7.42
CA PRO A 151 -12.64 10.34 -7.40
C PRO A 151 -13.30 9.12 -8.06
N GLY A 152 -12.99 8.87 -9.33
CA GLY A 152 -13.41 7.64 -10.03
C GLY A 152 -12.30 6.62 -9.94
N ALA A 153 -12.34 5.79 -8.90
CA ALA A 153 -11.20 4.97 -8.50
C ALA A 153 -10.81 3.87 -9.48
N GLY A 154 -9.57 3.94 -9.98
CA GLY A 154 -8.91 2.83 -10.66
C GLY A 154 -7.79 2.27 -9.78
N LYS A 155 -8.07 2.13 -8.49
CA LYS A 155 -7.10 1.64 -7.52
C LYS A 155 -6.86 0.13 -7.66
N THR A 156 -7.86 -0.57 -8.18
CA THR A 156 -7.72 -1.97 -8.59
C THR A 156 -6.69 -2.09 -9.72
N HIS A 157 -6.83 -1.20 -10.72
CA HIS A 157 -5.88 -1.11 -11.84
C HIS A 157 -4.46 -0.80 -11.36
N TRP A 158 -4.34 0.14 -10.42
CA TRP A 158 -3.06 0.46 -9.77
C TRP A 158 -2.49 -0.75 -9.04
N LEU A 159 -3.34 -1.45 -8.29
CA LEU A 159 -2.93 -2.57 -7.44
C LEU A 159 -2.52 -3.82 -8.23
N LEU A 160 -3.21 -4.10 -9.34
CA LEU A 160 -2.83 -5.23 -10.22
C LEU A 160 -1.44 -5.04 -10.87
N GLN A 161 -1.06 -3.79 -11.13
CA GLN A 161 0.28 -3.48 -11.64
C GLN A 161 1.39 -3.55 -10.56
N GLN A 162 1.00 -3.48 -9.29
CA GLN A 162 1.93 -3.36 -8.16
C GLN A 162 2.30 -4.69 -7.49
N VAL A 163 1.31 -5.59 -7.34
CA VAL A 163 1.50 -6.84 -6.59
C VAL A 163 2.39 -7.86 -7.30
N GLN A 164 2.89 -8.82 -6.51
CA GLN A 164 3.76 -9.90 -6.98
C GLN A 164 3.40 -11.18 -6.23
N ASP A 165 3.94 -12.31 -6.66
CA ASP A 165 3.58 -13.62 -6.11
C ASP A 165 3.82 -13.78 -4.60
N GLY A 166 4.90 -13.19 -4.09
CA GLY A 166 5.24 -13.29 -2.67
C GLY A 166 4.67 -12.22 -1.74
N ASP A 167 3.72 -11.42 -2.26
CA ASP A 167 3.11 -10.33 -1.48
C ASP A 167 1.91 -10.81 -0.68
N VAL A 168 1.57 -10.04 0.36
CA VAL A 168 0.41 -10.31 1.20
C VAL A 168 -0.50 -9.09 1.17
N ILE A 169 -1.78 -9.33 0.90
CA ILE A 169 -2.78 -8.29 0.89
C ILE A 169 -3.71 -8.61 2.06
N TYR A 170 -3.64 -7.78 3.10
CA TYR A 170 -4.56 -7.87 4.23
C TYR A 170 -5.85 -7.14 3.89
N THR A 171 -6.97 -7.66 4.33
CA THR A 171 -8.27 -7.09 3.98
C THR A 171 -9.28 -7.36 5.12
N PRO A 172 -10.06 -6.34 5.52
CA PRO A 172 -10.79 -6.39 6.81
C PRO A 172 -11.93 -7.41 6.92
N THR A 173 -12.82 -7.44 5.93
CA THR A 173 -14.02 -8.29 5.98
C THR A 173 -13.95 -9.43 4.97
N HIS A 174 -14.83 -10.41 5.15
CA HIS A 174 -14.94 -11.56 4.23
C HIS A 174 -15.27 -11.14 2.81
N GLN A 175 -16.15 -10.14 2.68
CA GLN A 175 -16.57 -9.63 1.37
C GLN A 175 -15.43 -8.93 0.61
N THR A 176 -14.62 -8.17 1.33
CA THR A 176 -13.49 -7.46 0.72
C THR A 176 -12.39 -8.44 0.32
N MET A 177 -12.21 -9.49 1.12
CA MET A 177 -11.36 -10.63 0.76
C MET A 177 -11.84 -11.31 -0.52
N LEU A 178 -13.16 -11.49 -0.65
CA LEU A 178 -13.75 -12.06 -1.85
C LEU A 178 -13.65 -11.12 -3.05
N ASP A 179 -13.77 -9.81 -2.81
CA ASP A 179 -13.59 -8.80 -3.86
C ASP A 179 -12.15 -8.82 -4.40
N MET A 180 -11.18 -8.92 -3.49
CA MET A 180 -9.76 -8.94 -3.85
C MET A 180 -9.38 -10.20 -4.63
N ILE A 181 -9.86 -11.35 -4.15
CA ILE A 181 -9.65 -12.65 -4.82
C ILE A 181 -10.24 -12.65 -6.24
N ARG A 182 -11.34 -11.93 -6.44
CA ARG A 182 -11.96 -11.78 -7.77
C ARG A 182 -11.19 -10.83 -8.68
N ALA A 183 -10.68 -9.73 -8.12
CA ALA A 183 -9.95 -8.70 -8.90
C ALA A 183 -8.60 -9.22 -9.37
N LEU A 184 -7.88 -9.86 -8.45
CA LEU A 184 -6.72 -10.68 -8.80
C LEU A 184 -7.30 -11.92 -9.46
N GLY A 185 -6.58 -12.52 -10.40
CA GLY A 185 -7.04 -13.78 -11.00
C GLY A 185 -6.63 -14.94 -10.12
N THR A 186 -5.33 -15.22 -10.17
CA THR A 186 -4.70 -16.31 -9.45
C THR A 186 -4.19 -15.74 -8.12
N CYS A 187 -4.54 -16.40 -7.02
CA CYS A 187 -4.02 -16.03 -5.70
C CYS A 187 -4.17 -17.14 -4.67
N ARG A 188 -3.33 -17.10 -3.65
CA ARG A 188 -3.33 -18.07 -2.56
C ARG A 188 -4.13 -17.52 -1.38
N PHE A 189 -4.91 -18.38 -0.73
CA PHE A 189 -5.66 -18.00 0.48
C PHE A 189 -6.24 -19.21 1.20
N ASN A 190 -6.68 -18.99 2.44
CA ASN A 190 -7.43 -19.97 3.21
C ASN A 190 -8.84 -19.43 3.43
N VAL A 191 -9.83 -20.20 3.01
CA VAL A 191 -11.24 -19.81 3.12
C VAL A 191 -11.60 -19.86 4.61
N PRO A 192 -12.02 -18.71 5.19
CA PRO A 192 -12.25 -18.67 6.64
C PRO A 192 -13.48 -19.47 7.07
N ALA A 193 -13.38 -20.17 8.20
CA ALA A 193 -14.49 -20.99 8.71
C ALA A 193 -15.65 -20.11 9.14
N GLY A 194 -16.87 -20.57 8.87
CA GLY A 194 -18.09 -19.85 9.25
C GLY A 194 -18.58 -18.80 8.29
N THR A 195 -17.96 -18.68 7.11
CA THR A 195 -18.35 -17.68 6.12
C THR A 195 -19.75 -17.95 5.57
N THR A 196 -20.44 -16.89 5.19
CA THR A 196 -21.70 -16.99 4.48
C THR A 196 -21.53 -16.68 2.98
N LEU A 197 -20.31 -16.82 2.46
CA LEU A 197 -19.98 -16.43 1.08
C LEU A 197 -19.48 -17.63 0.28
N GLN A 198 -19.63 -17.53 -1.04
CA GLN A 198 -19.16 -18.55 -1.97
C GLN A 198 -17.76 -18.15 -2.43
N PHE A 199 -16.76 -18.58 -1.68
CA PHE A 199 -15.36 -18.39 -2.06
C PHE A 199 -15.01 -19.39 -3.17
N PRO A 200 -14.23 -18.94 -4.17
CA PRO A 200 -13.68 -19.90 -5.15
C PRO A 200 -12.52 -20.69 -4.55
N ALA A 201 -12.05 -21.70 -5.26
CA ALA A 201 -10.90 -22.49 -4.81
C ALA A 201 -9.62 -21.65 -4.92
N PRO A 202 -8.76 -21.69 -3.89
CA PRO A 202 -7.49 -20.95 -3.96
C PRO A 202 -6.50 -21.59 -4.93
N SER A 203 -5.80 -20.75 -5.68
CA SER A 203 -4.74 -21.20 -6.59
C SER A 203 -3.47 -21.54 -5.83
N ARG A 204 -2.52 -22.14 -6.53
CA ARG A 204 -1.23 -22.56 -5.94
C ARG A 204 -0.13 -21.48 -6.03
N THR A 205 -0.38 -20.43 -6.83
CA THR A 205 0.57 -19.32 -7.01
C THR A 205 -0.14 -17.98 -6.77
N GLY A 206 0.64 -16.90 -6.84
CA GLY A 206 0.12 -15.53 -6.75
C GLY A 206 0.17 -14.97 -5.35
N PRO A 207 -0.21 -13.67 -5.18
CA PRO A 207 -0.15 -12.99 -3.89
C PRO A 207 -1.12 -13.57 -2.87
N TRP A 208 -0.69 -13.65 -1.60
CA TRP A 208 -1.56 -14.10 -0.51
C TRP A 208 -2.65 -13.05 -0.24
N VAL A 209 -3.85 -13.52 0.10
CA VAL A 209 -4.97 -12.63 0.46
C VAL A 209 -5.50 -13.05 1.83
N ARG A 210 -4.94 -12.43 2.87
CA ARG A 210 -5.21 -12.79 4.27
C ARG A 210 -6.29 -11.90 4.87
N ILE A 211 -7.10 -12.47 5.76
CA ILE A 211 -8.06 -11.69 6.53
C ILE A 211 -7.30 -10.95 7.65
N LEU A 212 -7.63 -9.68 7.87
CA LEU A 212 -6.85 -8.79 8.77
C LEU A 212 -6.76 -9.35 10.19
N ALA A 213 -7.90 -9.76 10.75
CA ALA A 213 -7.97 -10.29 12.12
C ALA A 213 -7.06 -11.50 12.38
N GLY A 214 -6.76 -12.27 11.33
CA GLY A 214 -5.78 -13.35 11.39
C GLY A 214 -4.38 -12.91 11.80
N GLY A 215 -3.97 -11.73 11.35
CA GLY A 215 -2.69 -11.13 11.74
C GLY A 215 -1.51 -11.51 10.86
N TRP A 216 -0.32 -11.12 11.33
CA TRP A 216 0.96 -11.24 10.59
C TRP A 216 1.21 -12.61 9.94
N CYS A 217 1.01 -12.66 8.62
CA CYS A 217 1.48 -13.75 7.76
C CYS A 217 2.73 -13.22 7.05
N PRO A 218 3.92 -13.77 7.37
CA PRO A 218 5.15 -13.29 6.73
C PRO A 218 5.17 -13.37 5.20
N GLY A 219 5.54 -12.25 4.58
CA GLY A 219 5.70 -12.16 3.13
C GLY A 219 6.61 -11.01 2.77
N LYS A 220 6.74 -10.73 1.48
CA LYS A 220 7.67 -9.73 0.99
C LYS A 220 7.12 -8.32 1.18
N ASN A 221 6.19 -7.90 0.32
CA ASN A 221 5.55 -6.58 0.42
C ASN A 221 4.10 -6.79 0.87
N SER A 222 3.77 -6.22 2.03
CA SER A 222 2.42 -6.31 2.58
C SER A 222 1.57 -5.11 2.14
N PHE A 223 0.29 -5.35 1.85
CA PHE A 223 -0.66 -4.31 1.49
C PHE A 223 -1.84 -4.32 2.46
N LEU A 224 -2.52 -3.19 2.57
CA LEU A 224 -3.72 -3.05 3.39
C LEU A 224 -4.86 -2.57 2.50
N ASP A 225 -5.81 -3.47 2.24
CA ASP A 225 -6.99 -3.16 1.45
C ASP A 225 -7.99 -2.38 2.32
N GLU A 226 -8.67 -1.40 1.74
CA GLU A 226 -9.72 -0.63 2.42
C GLU A 226 -9.25 -0.09 3.78
N ALA A 227 -8.12 0.60 3.77
CA ALA A 227 -7.42 1.02 4.99
C ALA A 227 -8.29 1.80 5.99
N ALA A 228 -9.20 2.62 5.49
CA ALA A 228 -10.07 3.45 6.33
C ALA A 228 -11.16 2.67 7.08
N TYR A 229 -11.36 1.40 6.71
CA TYR A 229 -12.39 0.57 7.32
C TYR A 229 -11.82 -0.44 8.32
N CYS A 230 -10.50 -0.49 8.44
CA CYS A 230 -9.82 -1.57 9.15
C CYS A 230 -9.83 -1.41 10.67
N ASN A 231 -9.68 -2.53 11.36
CA ASN A 231 -9.63 -2.58 12.81
C ASN A 231 -8.30 -1.98 13.28
N HIS A 232 -8.38 -0.95 14.10
CA HIS A 232 -7.21 -0.13 14.50
C HIS A 232 -6.12 -0.95 15.20
N LEU A 233 -6.53 -1.82 16.12
CA LEU A 233 -5.60 -2.67 16.86
C LEU A 233 -4.90 -3.67 15.93
N ASP A 234 -5.65 -4.21 14.96
CA ASP A 234 -5.08 -5.11 13.96
C ASP A 234 -4.06 -4.41 13.06
N VAL A 235 -4.26 -3.12 12.78
CA VAL A 235 -3.30 -2.33 12.01
C VAL A 235 -2.00 -2.14 12.81
N LEU A 236 -2.13 -1.83 14.10
CA LEU A 236 -0.97 -1.75 15.00
C LEU A 236 -0.25 -3.10 15.12
N ARG A 237 -1.00 -4.20 15.14
CA ARG A 237 -0.40 -5.55 15.08
C ARG A 237 0.53 -5.68 13.87
N LEU A 238 0.01 -5.36 12.69
CA LEU A 238 0.79 -5.42 11.45
C LEU A 238 2.03 -4.53 11.47
N LEU A 239 1.84 -3.29 11.89
CA LEU A 239 2.93 -2.32 11.93
C LEU A 239 4.02 -2.60 12.99
N SER A 240 3.73 -3.48 13.94
CA SER A 240 4.73 -3.99 14.86
C SER A 240 5.75 -4.93 14.18
N LYS A 241 5.31 -5.62 13.11
CA LYS A 241 6.14 -6.60 12.39
C LYS A 241 6.65 -6.12 11.02
N THR A 242 5.82 -5.40 10.27
CA THR A 242 6.15 -5.00 8.89
C THR A 242 5.72 -3.56 8.56
N THR A 243 6.20 -3.07 7.42
CA THR A 243 5.68 -1.85 6.81
C THR A 243 4.55 -2.21 5.85
N LEU A 244 3.70 -1.22 5.54
CA LEU A 244 2.49 -1.45 4.76
C LEU A 244 2.31 -0.44 3.64
N THR A 245 1.70 -0.90 2.55
CA THR A 245 1.14 -0.02 1.53
C THR A 245 -0.36 -0.04 1.77
N CYS A 246 -0.88 1.05 2.32
CA CYS A 246 -2.27 1.15 2.72
C CYS A 246 -3.07 1.83 1.62
N LEU A 247 -4.13 1.19 1.15
CA LEU A 247 -4.92 1.67 0.01
C LEU A 247 -6.23 2.28 0.49
N GLY A 248 -6.43 3.57 0.22
CA GLY A 248 -7.67 4.29 0.60
C GLY A 248 -8.32 5.01 -0.57
N ASP A 249 -9.57 5.45 -0.35
CA ASP A 249 -10.34 6.22 -1.34
C ASP A 249 -10.10 7.72 -1.17
N PHE A 250 -10.61 8.52 -2.10
CA PHE A 250 -10.39 9.98 -2.10
C PHE A 250 -11.01 10.65 -0.87
N LYS A 251 -10.30 11.64 -0.33
CA LYS A 251 -10.73 12.36 0.86
C LYS A 251 -11.93 13.27 0.58
N GLN A 252 -12.84 13.34 1.55
CA GLN A 252 -13.95 14.29 1.53
C GLN A 252 -14.27 14.68 2.97
N LEU A 253 -14.52 15.97 3.21
CA LEU A 253 -14.79 16.46 4.56
C LEU A 253 -16.12 15.93 5.07
N HIS A 254 -16.08 14.78 5.74
CA HIS A 254 -17.28 14.12 6.27
C HIS A 254 -17.79 14.83 7.53
N PRO A 255 -19.08 14.61 7.90
CA PRO A 255 -19.59 15.17 9.17
C PRO A 255 -18.97 14.53 10.42
N VAL A 256 -19.32 15.06 11.60
CA VAL A 256 -18.81 14.53 12.87
C VAL A 256 -19.31 13.10 13.12
N GLY A 257 -18.36 12.20 13.36
CA GLY A 257 -18.65 10.78 13.57
C GLY A 257 -18.51 9.90 12.35
N PHE A 258 -18.47 10.51 11.15
CA PHE A 258 -18.45 9.77 9.88
C PHE A 258 -17.05 9.40 9.38
N ASP A 259 -16.01 9.75 10.13
CA ASP A 259 -14.65 9.33 9.83
C ASP A 259 -13.94 8.77 11.07
N SER A 260 -13.87 7.44 11.12
CA SER A 260 -12.99 6.72 12.03
C SER A 260 -11.95 6.02 11.16
N HIS A 261 -10.68 6.23 11.47
CA HIS A 261 -9.59 5.53 10.79
C HIS A 261 -8.37 5.54 11.72
N CYS A 262 -7.52 4.53 11.57
CA CYS A 262 -6.36 4.40 12.44
C CYS A 262 -5.49 5.64 12.33
N TYR A 263 -5.06 6.17 13.48
CA TYR A 263 -4.30 7.43 13.55
C TYR A 263 -3.02 7.42 12.69
N VAL A 264 -2.41 6.25 12.54
CA VAL A 264 -1.17 6.09 11.76
C VAL A 264 -1.23 6.62 10.33
N PHE A 265 -2.38 6.61 9.68
CA PHE A 265 -2.52 7.12 8.30
C PHE A 265 -2.29 8.63 8.21
N ASP A 266 -2.68 9.37 9.24
CA ASP A 266 -2.45 10.82 9.31
C ASP A 266 -0.98 11.18 9.62
N ILE A 267 -0.21 10.21 10.12
CA ILE A 267 1.25 10.31 10.23
C ILE A 267 1.93 9.77 8.98
N MET A 268 1.34 8.74 8.38
CA MET A 268 1.95 7.99 7.28
C MET A 268 2.22 8.88 6.06
N PRO A 269 3.34 8.64 5.34
CA PRO A 269 3.59 9.32 4.06
C PRO A 269 2.46 9.08 3.06
N GLN A 270 1.94 10.16 2.49
CA GLN A 270 0.77 10.09 1.61
C GLN A 270 1.15 10.30 0.14
N THR A 271 0.35 9.69 -0.74
CA THR A 271 0.52 9.81 -2.19
C THR A 271 -0.86 9.84 -2.84
N GLN A 272 -1.27 11.02 -3.31
CA GLN A 272 -2.55 11.18 -4.01
C GLN A 272 -2.41 10.69 -5.45
N LEU A 273 -3.39 9.89 -5.90
CA LEU A 273 -3.46 9.46 -7.29
C LEU A 273 -4.23 10.48 -8.12
N LYS A 274 -3.79 10.68 -9.36
CA LYS A 274 -4.44 11.58 -10.31
C LYS A 274 -4.74 10.79 -11.60
N THR A 275 -5.99 10.87 -12.06
CA THR A 275 -6.42 10.15 -13.26
C THR A 275 -6.05 10.94 -14.51
N ILE A 276 -5.45 10.24 -15.48
CA ILE A 276 -4.97 10.83 -16.73
C ILE A 276 -5.71 10.15 -17.89
N TRP A 277 -6.48 10.95 -18.63
CA TRP A 277 -7.22 10.46 -19.81
C TRP A 277 -6.56 10.90 -21.12
N ARG A 278 -5.40 11.54 -21.03
CA ARG A 278 -4.76 12.24 -22.14
C ARG A 278 -3.79 11.33 -22.90
N PHE A 279 -2.95 10.62 -22.16
CA PHE A 279 -1.92 9.74 -22.73
C PHE A 279 -1.71 8.51 -21.83
N GLY A 280 -0.97 7.53 -22.35
CA GLY A 280 -0.73 6.27 -21.65
C GLY A 280 0.15 6.38 -20.42
N GLN A 281 0.26 5.27 -19.69
CA GLN A 281 1.10 5.18 -18.49
C GLN A 281 2.58 5.47 -18.78
N ASN A 282 3.08 5.00 -19.92
CA ASN A 282 4.48 5.21 -20.30
C ASN A 282 4.85 6.69 -20.37
N ILE A 283 3.92 7.53 -20.83
CA ILE A 283 4.10 8.98 -20.85
C ILE A 283 4.05 9.53 -19.42
N CYS A 284 3.06 9.08 -18.64
CA CYS A 284 2.93 9.42 -17.22
C CYS A 284 4.20 9.10 -16.42
N ASP A 285 4.76 7.91 -16.64
CA ASP A 285 6.03 7.50 -16.02
C ASP A 285 7.14 8.50 -16.31
N ALA A 286 7.26 8.87 -17.58
CA ALA A 286 8.32 9.78 -18.04
C ALA A 286 8.21 11.20 -17.46
N ILE A 287 6.99 11.72 -17.39
CA ILE A 287 6.74 13.06 -16.86
C ILE A 287 6.56 13.13 -15.34
N GLN A 288 6.51 11.97 -14.67
CA GLN A 288 6.26 11.91 -13.21
C GLN A 288 7.16 12.80 -12.35
N PRO A 289 8.48 12.87 -12.66
CA PRO A 289 9.38 13.76 -11.90
C PRO A 289 8.96 15.23 -11.78
N ASP A 290 8.14 15.73 -12.70
CA ASP A 290 7.64 17.11 -12.66
C ASP A 290 6.43 17.36 -11.74
N TYR A 291 5.86 16.32 -11.14
CA TYR A 291 4.60 16.46 -10.37
C TYR A 291 4.62 15.69 -9.04
N ARG A 292 4.01 16.29 -8.01
CA ARG A 292 3.91 15.69 -6.68
C ARG A 292 3.04 14.44 -6.69
N ASP A 293 1.84 14.56 -7.28
CA ASP A 293 0.86 13.48 -7.33
C ASP A 293 1.29 12.38 -8.28
N LYS A 294 0.88 11.15 -7.98
CA LYS A 294 1.21 9.98 -8.79
C LYS A 294 0.22 9.90 -9.96
N LEU A 295 0.74 9.97 -11.18
CA LEU A 295 -0.09 10.04 -12.39
C LEU A 295 -0.51 8.65 -12.88
N MET A 296 -1.82 8.41 -12.88
CA MET A 296 -2.42 7.13 -13.25
C MET A 296 -3.17 7.27 -14.56
N SER A 297 -2.79 6.48 -15.58
CA SER A 297 -3.39 6.56 -16.90
C SER A 297 -4.53 5.55 -17.03
N MET A 298 -5.71 6.03 -17.40
CA MET A 298 -6.86 5.17 -17.69
C MET A 298 -6.81 4.68 -19.13
N VAL A 299 -6.52 5.60 -20.06
CA VAL A 299 -6.45 5.27 -21.49
C VAL A 299 -5.19 4.45 -21.86
N ASN A 300 -5.15 3.99 -23.10
CA ASN A 300 -4.11 3.05 -23.56
C ASN A 300 -2.74 3.69 -23.77
N THR A 301 -1.73 2.83 -23.94
CA THR A 301 -0.35 3.23 -24.18
C THR A 301 -0.20 4.17 -25.38
N THR A 302 0.52 5.27 -25.17
CA THR A 302 0.88 6.20 -26.25
C THR A 302 2.15 5.68 -26.92
N ARG A 303 2.14 5.61 -28.25
CA ARG A 303 3.26 5.03 -29.01
C ARG A 303 4.46 5.98 -29.04
N VAL A 304 5.65 5.43 -28.85
CA VAL A 304 6.90 6.18 -28.92
C VAL A 304 7.84 5.47 -29.89
N THR A 305 8.14 6.13 -31.01
CA THR A 305 9.00 5.60 -32.06
C THR A 305 10.16 6.56 -32.30
N TYR A 306 11.39 6.04 -32.32
CA TYR A 306 12.57 6.83 -32.64
C TYR A 306 12.95 6.62 -34.10
N VAL A 307 12.68 7.64 -34.93
CA VAL A 307 12.80 7.53 -36.39
C VAL A 307 14.20 7.92 -36.84
N GLU A 308 14.77 7.13 -37.76
CA GLU A 308 16.16 7.30 -38.22
C GLU A 308 16.36 8.54 -39.08
N LYS A 309 15.37 8.87 -39.92
CA LYS A 309 15.36 10.10 -40.73
C LYS A 309 14.15 10.97 -40.36
N PRO A 310 14.11 12.24 -40.82
CA PRO A 310 12.97 13.12 -40.57
C PRO A 310 11.62 12.60 -41.06
N VAL A 311 10.54 12.94 -40.35
CA VAL A 311 9.17 12.57 -40.74
C VAL A 311 8.18 13.70 -40.44
N ARG A 312 6.98 13.60 -41.03
CA ARG A 312 5.92 14.59 -40.87
C ARG A 312 4.59 13.90 -40.53
N TYR A 313 4.61 13.08 -39.48
CA TYR A 313 3.40 12.40 -38.99
C TYR A 313 2.75 13.25 -37.91
N GLY A 314 1.45 13.53 -38.07
CA GLY A 314 0.72 14.39 -37.13
C GLY A 314 1.26 15.81 -37.13
N GLN A 315 1.02 16.54 -36.05
CA GLN A 315 1.55 17.90 -35.90
C GLN A 315 3.05 17.84 -35.58
N VAL A 316 3.87 18.46 -36.41
CA VAL A 316 5.31 18.52 -36.17
C VAL A 316 5.61 19.59 -35.13
N LEU A 317 6.39 19.23 -34.12
CA LEU A 317 6.85 20.15 -33.10
C LEU A 317 8.37 20.21 -33.15
N THR A 318 8.91 21.41 -32.92
CA THR A 318 10.36 21.63 -32.91
C THR A 318 10.68 22.79 -31.97
N PRO A 319 11.83 22.74 -31.27
CA PRO A 319 12.16 23.85 -30.37
C PRO A 319 12.21 25.23 -31.04
N TYR A 320 12.96 25.34 -32.13
CA TYR A 320 13.29 26.63 -32.75
C TYR A 320 12.45 26.96 -33.98
N HIS A 321 12.17 28.25 -34.19
CA HIS A 321 11.54 28.75 -35.42
C HIS A 321 12.38 28.48 -36.68
N ARG A 322 13.71 28.46 -36.56
CA ARG A 322 14.61 28.18 -37.69
C ARG A 322 14.36 26.82 -38.35
N ASP A 323 13.93 25.83 -37.58
CA ASP A 323 13.72 24.47 -38.08
C ASP A 323 12.30 24.16 -38.53
N ARG A 324 11.39 25.14 -38.47
CA ARG A 324 10.01 24.96 -38.91
C ARG A 324 9.95 24.83 -40.43
N GLU A 325 9.24 23.80 -40.88
CA GLU A 325 8.95 23.56 -42.30
C GLU A 325 7.48 23.17 -42.44
N ASP A 326 6.84 23.66 -43.50
CA ASP A 326 5.43 23.36 -43.80
C ASP A 326 4.52 23.81 -42.64
N SER A 327 3.66 22.94 -42.09
CA SER A 327 2.74 23.30 -41.01
C SER A 327 3.32 23.06 -39.61
N ALA A 328 4.65 22.91 -39.51
CA ALA A 328 5.31 22.72 -38.22
C ALA A 328 5.18 23.98 -37.36
N ILE A 329 5.16 23.75 -36.04
CA ILE A 329 4.91 24.80 -35.05
C ILE A 329 5.98 24.64 -33.97
N THR A 330 6.29 25.70 -33.22
CA THR A 330 7.24 25.58 -32.10
C THR A 330 6.59 24.85 -30.92
N ILE A 331 7.46 24.26 -30.10
CA ILE A 331 7.03 23.61 -28.85
C ILE A 331 6.38 24.63 -27.91
N ASP A 332 6.96 25.82 -27.82
CA ASP A 332 6.42 26.89 -26.95
C ASP A 332 5.02 27.35 -27.38
N SER A 333 4.77 27.41 -28.69
CA SER A 333 3.46 27.81 -29.23
C SER A 333 2.41 26.69 -29.20
N SER A 334 2.84 25.45 -28.99
CA SER A 334 1.92 24.30 -28.84
C SER A 334 1.32 24.15 -27.43
N GLN A 335 1.73 25.00 -26.48
CA GLN A 335 1.21 24.96 -25.11
C GLN A 335 -0.31 25.13 -25.11
N GLY A 336 -1.00 24.27 -24.36
CA GLY A 336 -2.46 24.24 -24.35
C GLY A 336 -3.10 23.34 -25.40
N ALA A 337 -2.39 23.08 -26.50
CA ALA A 337 -2.92 22.28 -27.60
C ALA A 337 -2.87 20.79 -27.28
N THR A 338 -3.53 20.01 -28.13
CA THR A 338 -3.59 18.55 -28.00
C THR A 338 -3.86 17.92 -29.36
N PHE A 339 -3.08 16.90 -29.70
CA PHE A 339 -3.17 16.19 -30.99
C PHE A 339 -3.19 14.68 -30.75
N ASP A 340 -3.56 13.93 -31.79
CA ASP A 340 -3.45 12.47 -31.75
C ASP A 340 -2.00 12.07 -31.87
N VAL A 341 -1.38 12.47 -32.98
CA VAL A 341 0.00 12.12 -33.30
C VAL A 341 0.85 13.39 -33.29
N VAL A 342 2.10 13.25 -32.85
CA VAL A 342 3.06 14.35 -32.81
C VAL A 342 4.40 13.86 -33.35
N THR A 343 5.14 14.75 -34.00
CA THR A 343 6.51 14.47 -34.40
C THR A 343 7.44 15.47 -33.72
N LEU A 344 8.19 15.01 -32.72
CA LEU A 344 9.22 15.81 -32.08
C LEU A 344 10.44 15.88 -33.01
N HIS A 345 10.64 17.04 -33.61
CA HIS A 345 11.71 17.26 -34.59
C HIS A 345 12.87 18.02 -33.95
N LEU A 346 13.99 17.33 -33.72
CA LEU A 346 15.14 17.86 -32.97
C LEU A 346 16.42 17.86 -33.81
N PRO A 347 16.45 18.63 -34.91
CA PRO A 347 17.59 18.58 -35.81
C PRO A 347 18.85 19.30 -35.32
N THR A 348 18.75 20.16 -34.29
CA THR A 348 19.90 20.98 -33.82
C THR A 348 20.22 20.72 -32.34
N LYS A 349 21.51 20.66 -32.05
CA LYS A 349 22.04 20.18 -30.77
C LYS A 349 21.84 21.19 -29.63
N ASP A 350 21.65 20.66 -28.41
CA ASP A 350 21.40 21.47 -27.20
C ASP A 350 20.17 22.39 -27.31
N SER A 351 19.12 21.89 -27.96
CA SER A 351 17.89 22.65 -28.18
C SER A 351 16.74 22.32 -27.20
N LEU A 352 16.95 21.37 -26.29
CA LEU A 352 15.92 20.95 -25.32
C LEU A 352 16.36 21.19 -23.87
N ASN A 353 15.54 21.93 -23.12
CA ASN A 353 15.53 21.84 -21.65
C ASN A 353 14.44 20.83 -21.29
N ARG A 354 14.22 20.59 -19.99
CA ARG A 354 13.09 19.75 -19.57
C ARG A 354 11.76 20.39 -19.91
N GLN A 355 11.61 21.68 -19.59
CA GLN A 355 10.31 22.37 -19.72
C GLN A 355 9.72 22.30 -21.14
N ARG A 356 10.58 22.37 -22.17
CA ARG A 356 10.16 22.16 -23.56
C ARG A 356 9.85 20.70 -23.86
N ALA A 357 10.70 19.78 -23.40
CA ALA A 357 10.44 18.35 -23.55
C ALA A 357 9.12 17.96 -22.86
N LEU A 358 8.91 18.46 -21.64
CA LEU A 358 7.67 18.20 -20.87
C LEU A 358 6.42 18.61 -21.66
N VAL A 359 6.46 19.79 -22.28
CA VAL A 359 5.35 20.26 -23.12
C VAL A 359 5.22 19.31 -24.31
N ALA A 360 6.29 19.15 -25.08
CA ALA A 360 6.31 18.32 -26.30
C ALA A 360 5.77 16.88 -26.10
N ILE A 361 6.20 16.25 -25.02
CA ILE A 361 5.79 14.87 -24.72
C ILE A 361 4.31 14.78 -24.32
N THR A 362 3.78 15.83 -23.69
CA THR A 362 2.39 15.85 -23.19
C THR A 362 1.32 16.40 -24.17
N ARG A 363 1.68 16.57 -25.44
CA ARG A 363 0.72 17.04 -26.47
C ARG A 363 0.04 15.86 -27.20
N ALA A 364 0.73 14.73 -27.30
CA ALA A 364 0.23 13.58 -28.07
C ALA A 364 -0.73 12.71 -27.27
N ARG A 365 -1.79 12.24 -27.94
CA ARG A 365 -2.77 11.33 -27.34
C ARG A 365 -2.40 9.87 -27.61
N HIS A 366 -2.11 9.55 -28.88
CA HIS A 366 -1.91 8.16 -29.33
C HIS A 366 -0.48 7.81 -29.78
N ALA A 367 0.23 8.76 -30.41
CA ALA A 367 1.58 8.50 -30.90
C ALA A 367 2.50 9.73 -30.90
N ILE A 368 3.78 9.50 -30.63
CA ILE A 368 4.82 10.53 -30.73
C ILE A 368 6.04 9.94 -31.43
N PHE A 369 6.35 10.46 -32.62
CA PHE A 369 7.55 10.09 -33.37
C PHE A 369 8.63 11.11 -33.05
N VAL A 370 9.87 10.65 -32.85
CA VAL A 370 10.94 11.53 -32.38
C VAL A 370 12.20 11.36 -33.22
N TYR A 371 12.50 12.39 -34.01
CA TYR A 371 13.74 12.48 -34.78
C TYR A 371 14.77 13.17 -33.89
N ASP A 372 15.62 12.35 -33.26
CA ASP A 372 16.57 12.81 -32.25
C ASP A 372 17.96 12.31 -32.64
N PRO A 373 18.53 12.85 -33.74
CA PRO A 373 19.85 12.42 -34.19
C PRO A 373 21.00 12.72 -33.21
N HIS A 374 20.82 13.72 -32.36
CA HIS A 374 21.83 14.09 -31.35
C HIS A 374 21.69 13.35 -30.00
N ARG A 375 20.70 12.48 -29.87
CA ARG A 375 20.46 11.71 -28.64
C ARG A 375 20.34 12.63 -27.41
N GLN A 376 19.67 13.76 -27.58
CA GLN A 376 19.59 14.83 -26.57
C GLN A 376 18.37 14.73 -25.66
N LEU A 377 17.33 14.02 -26.08
CA LEU A 377 16.16 13.75 -25.24
C LEU A 377 16.49 12.84 -24.04
N GLN A 378 17.54 12.03 -24.17
CA GLN A 378 18.06 11.15 -23.09
C GLN A 378 18.50 11.93 -21.86
N SER A 379 19.26 13.00 -22.11
CA SER A 379 19.81 13.84 -21.03
C SER A 379 18.78 14.66 -20.26
N VAL A 380 17.57 14.75 -20.81
CA VAL A 380 16.47 15.50 -20.21
C VAL A 380 15.24 14.62 -19.85
N PHE A 381 15.12 13.42 -20.42
CA PHE A 381 13.95 12.56 -20.24
C PHE A 381 14.26 11.07 -20.33
N ASP A 382 13.53 10.26 -19.56
CA ASP A 382 13.54 8.81 -19.67
C ASP A 382 12.25 8.40 -20.38
N LEU A 383 12.35 8.23 -21.70
CA LEU A 383 11.20 7.90 -22.55
C LEU A 383 11.57 6.76 -23.51
N PRO A 384 11.37 5.49 -23.09
CA PRO A 384 11.74 4.36 -23.96
C PRO A 384 10.82 4.17 -25.16
N ALA A 385 11.32 3.43 -26.16
CA ALA A 385 10.54 3.05 -27.33
C ALA A 385 9.42 2.11 -26.89
N LYS A 386 8.20 2.40 -27.35
CA LYS A 386 7.00 1.69 -26.89
C LYS A 386 6.02 1.50 -28.03
N GLY A 387 5.98 0.29 -28.60
CA GLY A 387 5.05 -0.04 -29.67
C GLY A 387 3.65 -0.34 -29.15
N THR A 388 2.65 -0.20 -30.03
CA THR A 388 1.27 -0.60 -29.75
C THR A 388 0.66 -1.25 -31.00
N PRO A 389 0.04 -2.44 -30.86
CA PRO A 389 -0.55 -3.13 -32.02
C PRO A 389 -1.88 -2.48 -32.44
N VAL A 390 -1.77 -1.36 -33.13
CA VAL A 390 -2.92 -0.54 -33.55
C VAL A 390 -2.63 0.09 -34.91
N ASN A 391 -3.69 0.33 -35.69
CA ASN A 391 -3.58 1.04 -36.96
C ASN A 391 -3.87 2.52 -36.74
N LEU A 392 -2.82 3.34 -36.78
CA LEU A 392 -2.95 4.79 -36.59
C LEU A 392 -3.43 5.50 -37.85
N ALA A 393 -4.14 6.61 -37.66
CA ALA A 393 -4.67 7.43 -38.75
C ALA A 393 -4.32 8.89 -38.51
N VAL A 394 -3.72 9.53 -39.51
CA VAL A 394 -3.32 10.95 -39.42
C VAL A 394 -3.21 11.60 -40.79
N HIS A 395 -3.61 12.87 -40.88
CA HIS A 395 -3.51 13.65 -42.13
C HIS A 395 -2.04 14.01 -42.40
N ARG A 405 -4.72 11.64 -46.21
CA ARG A 405 -5.12 10.73 -45.13
C ARG A 405 -4.36 9.41 -45.21
N ASN A 406 -3.16 9.40 -44.63
CA ASN A 406 -2.32 8.20 -44.54
C ASN A 406 -2.69 7.36 -43.33
N ASN A 407 -2.05 6.20 -43.19
CA ASN A 407 -2.27 5.31 -42.05
C ASN A 407 -1.07 4.42 -41.76
N ARG A 408 -0.46 4.59 -40.59
CA ARG A 408 0.70 3.80 -40.16
C ARG A 408 0.26 2.53 -39.44
N GLU A 409 0.86 1.39 -39.82
CA GLU A 409 0.51 0.08 -39.27
C GLU A 409 1.11 -0.15 -37.88
N ILE A 410 0.83 -1.32 -37.30
CA ILE A 410 1.36 -1.72 -36.01
C ILE A 410 2.89 -1.71 -35.91
N THR A 411 3.57 -1.97 -37.04
CA THR A 411 5.04 -1.93 -37.10
C THR A 411 5.53 -0.64 -37.81
N VAL A 412 4.87 0.49 -37.50
CA VAL A 412 5.12 1.81 -38.13
C VAL A 412 5.50 1.75 -39.62
N ALA A 413 4.64 1.13 -40.40
CA ALA A 413 4.76 1.08 -41.86
C ALA A 413 3.57 1.80 -42.48
N GLN A 414 3.84 2.75 -43.37
CA GLN A 414 2.78 3.52 -44.03
C GLN A 414 1.92 2.61 -44.89
N ALA A 415 0.85 2.09 -44.30
CA ALA A 415 0.02 1.05 -44.91
C ALA A 415 -1.08 1.62 -45.79
N LEU A 416 -1.67 0.74 -46.59
CA LEU A 416 -2.78 1.09 -47.50
C LEU A 416 -4.06 1.38 -46.73
N GLY A 417 -4.91 2.24 -47.29
CA GLY A 417 -6.24 2.48 -46.76
C GLY A 417 -7.06 1.21 -46.86
N ASN A 418 -7.64 0.78 -45.74
CA ASN A 418 -8.38 -0.48 -45.65
C ASN A 418 -7.50 -1.74 -45.79
N GLY A 419 -6.25 -1.66 -45.33
CA GLY A 419 -5.41 -2.84 -45.14
C GLY A 419 -5.68 -3.39 -43.74
N ASP A 420 -6.61 -4.33 -43.65
CA ASP A 420 -7.20 -4.73 -42.35
C ASP A 420 -6.45 -5.85 -41.63
N LYS A 421 -6.27 -5.67 -40.32
CA LYS A 421 -5.73 -6.70 -39.42
C LYS A 421 -6.01 -6.32 -37.95
N PHE A 422 -5.34 -5.29 -37.45
CA PHE A 422 -5.53 -4.78 -36.08
C PHE A 422 -6.68 -3.77 -36.02
N ARG A 423 -7.01 -3.33 -34.80
CA ARG A 423 -7.98 -2.25 -34.59
C ARG A 423 -7.37 -0.87 -34.86
N ALA A 424 -8.21 0.16 -34.94
CA ALA A 424 -7.77 1.52 -35.30
C ALA A 424 -8.10 2.53 -34.18
N THR A 425 -7.14 3.41 -33.88
CA THR A 425 -7.28 4.42 -32.82
C THR A 425 -7.09 5.83 -33.37
N ASP A 426 -8.03 6.73 -33.08
CA ASP A 426 -7.96 8.13 -33.52
C ASP A 426 -9.09 8.98 -32.92
N LYS A 427 -8.74 9.87 -31.99
CA LYS A 427 -9.72 10.70 -31.27
C LYS A 427 -9.98 12.08 -31.87
N ARG A 428 -9.30 12.43 -32.97
CA ARG A 428 -9.48 13.73 -33.62
C ARG A 428 -10.77 13.72 -34.43
N VAL A 429 -11.49 14.85 -34.43
CA VAL A 429 -12.85 14.92 -34.97
C VAL A 429 -12.86 14.81 -36.50
N VAL A 430 -12.14 15.71 -37.18
CA VAL A 430 -12.06 15.69 -38.67
C VAL A 430 -11.38 14.43 -39.23
N ASP A 431 -10.46 13.85 -38.48
CA ASP A 431 -9.80 12.59 -38.85
C ASP A 431 -10.79 11.42 -38.86
N SER A 432 -11.59 11.32 -37.80
CA SER A 432 -12.57 10.24 -37.63
C SER A 432 -13.68 10.26 -38.70
N LEU A 433 -14.07 11.46 -39.13
CA LEU A 433 -15.06 11.62 -40.20
C LEU A 433 -14.58 11.06 -41.55
N ARG A 434 -13.29 11.27 -41.86
CA ARG A 434 -12.69 10.77 -43.11
C ARG A 434 -12.23 9.30 -43.07
N ALA A 435 -12.33 8.65 -41.90
CA ALA A 435 -12.05 7.22 -41.77
C ALA A 435 -13.23 6.31 -42.14
N ILE A 436 -14.42 6.89 -42.36
CA ILE A 436 -15.63 6.11 -42.70
C ILE A 436 -15.56 5.33 -44.03
N CYS A 437 -14.86 5.90 -45.02
CA CYS A 437 -14.74 5.27 -46.34
C CYS A 437 -13.82 4.05 -46.29
ZN ZN B . -4.67 -4.05 28.65
ZN ZN C . 7.58 1.77 29.04
ZN ZN D . -0.95 -3.60 46.67
CA CA E . -10.04 8.91 24.92
CA CA F . 4.97 4.07 46.21
CA CA G . 12.04 29.56 -29.67
#